data_5H4D
#
_entry.id   5H4D
#
_cell.length_a   114.560
_cell.length_b   114.560
_cell.length_c   123.404
_cell.angle_alpha   90.000
_cell.angle_beta   90.000
_cell.angle_gamma   120.000
#
_symmetry.space_group_name_H-M   'H 3'
#
loop_
_entity.id
_entity.type
_entity.pdbx_description
1 polymer 'NAD-dependent protein deacetylase sirtuin-3, mitochondrial'
2 polymer ARG-HIS-LYS
3 non-polymer 'ZINC ION'
4 non-polymer 'MAGNESIUM ION'
5 non-polymer (2-butyl-1-benzofuran-3-yl){4-[2-(diethylamino)ethoxy]-3,5-diiodophenyl}methanone
6 non-polymer NICOTINAMIDE-ADENINE-DINUCLEOTIDE
7 non-polymer 7-AMINO-4-METHYL-CHROMEN-2-ONE
8 non-polymer DI(HYDROXYETHYL)ETHER
#
loop_
_entity_poly.entity_id
_entity_poly.type
_entity_poly.pdbx_seq_one_letter_code
_entity_poly.pdbx_strand_id
1 'polypeptide(L)'
;GKLSLQDVAELIRARACQRVVVMVGAGISTPSGIPDFRSPGSGLYSNLQQYDLPYPEAIFELPFFFHNPKPFFTLAKELY
PGNYKPNVTHYFLRLLHDKGLLLRLYTQNIDGLERVSGIPASKLVEAHGTFASATCTVCQRPFPGEDIRADVMADRVPRC
PVCTGVVKPDIVFFGEPLPQRFLLHVVDFPMADLLLILGTSLEVEPFASLTEAVRSSVPRLLINRDLVGPLAWHPRSRDV
AQLGDVVHGVESLVELLGWTEEMRDLVQRET
;
A,H
2 'polypeptide(L)' RHK(ALY) D,C
#
loop_
_chem_comp.id
_chem_comp.type
_chem_comp.name
_chem_comp.formula
BBI non-polymer (2-butyl-1-benzofuran-3-yl){4-[2-(diethylamino)ethoxy]-3,5-diiodophenyl}methanone 'C25 H29 I2 N O3'
MCM non-polymer 7-AMINO-4-METHYL-CHROMEN-2-ONE 'C10 H9 N O2'
MG non-polymer 'MAGNESIUM ION' 'Mg 2'
NAD non-polymer NICOTINAMIDE-ADENINE-DINUCLEOTIDE 'C21 H27 N7 O14 P2'
PEG non-polymer DI(HYDROXYETHYL)ETHER 'C4 H10 O3'
ZN non-polymer 'ZINC ION' 'Zn 2'
#
# COMPACT_ATOMS: atom_id res chain seq x y z
N GLY A 1 -9.67 34.53 13.39
CA GLY A 1 -10.31 33.27 13.91
C GLY A 1 -10.08 33.10 15.40
N LYS A 2 -11.13 32.70 16.12
CA LYS A 2 -11.04 32.49 17.57
C LYS A 2 -9.71 31.81 17.95
N LEU A 3 -9.29 30.81 17.16
CA LEU A 3 -7.98 30.17 17.36
C LEU A 3 -6.84 30.90 16.66
N SER A 4 -5.76 31.13 17.42
CA SER A 4 -4.58 31.85 16.96
C SER A 4 -3.50 30.87 16.44
N LEU A 5 -2.23 31.26 16.45
CA LEU A 5 -1.11 30.35 16.17
C LEU A 5 -0.61 29.70 17.45
N GLN A 6 -0.56 30.45 18.54
CA GLN A 6 -0.12 29.89 19.84
C GLN A 6 -1.02 28.73 20.23
N ASP A 7 -2.33 28.93 20.10
CA ASP A 7 -3.29 27.88 20.45
C ASP A 7 -2.90 26.56 19.79
N VAL A 8 -2.54 26.63 18.51
CA VAL A 8 -2.12 25.46 17.75
C VAL A 8 -0.78 24.92 18.27
N ALA A 9 0.09 25.80 18.72
CA ALA A 9 1.30 25.37 19.41
C ALA A 9 0.97 24.69 20.73
N GLU A 10 0.10 25.30 21.53
CA GLU A 10 -0.17 24.81 22.88
C GLU A 10 -0.84 23.45 22.87
N LEU A 11 -1.80 23.25 21.97
CA LEU A 11 -2.44 21.95 21.80
C LEU A 11 -1.44 20.84 21.53
N ILE A 12 -0.50 21.11 20.63
CA ILE A 12 0.56 20.17 20.31
C ILE A 12 1.43 19.93 21.55
N ARG A 13 1.87 21.02 22.18
CA ARG A 13 2.68 20.97 23.43
C ARG A 13 2.01 20.12 24.51
N ALA A 14 0.75 20.44 24.81
CA ALA A 14 -0.02 19.71 25.81
C ALA A 14 -0.28 18.27 25.38
N ARG A 15 -0.02 17.98 24.10
CA ARG A 15 -0.18 16.65 23.48
C ARG A 15 -1.67 16.30 23.26
N ALA A 16 -2.44 17.31 22.87
CA ALA A 16 -3.83 17.12 22.46
C ALA A 16 -3.89 16.55 21.04
N CYS A 17 -3.23 17.23 20.12
CA CYS A 17 -3.09 16.78 18.74
C CYS A 17 -1.81 15.96 18.62
N GLN A 18 -1.95 14.66 18.32
CA GLN A 18 -0.83 13.71 18.36
C GLN A 18 -0.63 12.94 17.07
N ARG A 19 -1.47 13.19 16.07
CA ARG A 19 -1.43 12.40 14.84
C ARG A 19 -1.66 13.36 13.69
N VAL A 20 -0.65 14.19 13.45
CA VAL A 20 -0.76 15.33 12.54
C VAL A 20 -0.56 14.86 11.12
N VAL A 21 -1.55 15.10 10.27
CA VAL A 21 -1.42 14.82 8.83
C VAL A 21 -1.06 16.12 8.14
N VAL A 22 -0.03 16.05 7.28
CA VAL A 22 0.56 17.26 6.71
C VAL A 22 0.50 17.20 5.19
N MET A 23 0.17 18.35 4.59
CA MET A 23 0.02 18.45 3.15
C MET A 23 0.92 19.50 2.56
N VAL A 24 1.98 19.03 1.91
CA VAL A 24 3.08 19.90 1.47
C VAL A 24 3.15 20.03 -0.05
N GLY A 25 3.41 21.26 -0.51
CA GLY A 25 3.58 21.51 -1.93
C GLY A 25 4.98 21.97 -2.28
N ALA A 26 5.09 22.79 -3.32
CA ALA A 26 6.37 23.38 -3.74
C ALA A 26 6.80 24.61 -2.91
N GLY A 27 5.90 25.11 -2.04
CA GLY A 27 6.23 26.23 -1.17
C GLY A 27 7.41 26.02 -0.24
N ILE A 28 7.61 24.78 0.19
CA ILE A 28 8.70 24.41 1.13
C ILE A 28 10.03 24.12 0.43
N SER A 29 9.98 23.90 -0.88
CA SER A 29 11.18 23.59 -1.64
C SER A 29 11.82 24.83 -2.25
N THR A 30 11.04 25.88 -2.48
CA THR A 30 11.61 27.15 -2.94
C THR A 30 12.93 27.49 -2.22
N PRO A 31 12.92 27.58 -0.88
CA PRO A 31 14.15 28.02 -0.18
C PRO A 31 15.27 27.00 -0.09
N SER A 32 15.06 25.81 -0.67
CA SER A 32 16.15 24.87 -0.93
C SER A 32 16.86 25.20 -2.25
N GLY A 33 16.18 25.99 -3.09
CA GLY A 33 16.69 26.38 -4.39
C GLY A 33 16.28 25.42 -5.50
N ILE A 34 15.04 24.96 -5.48
CA ILE A 34 14.54 24.04 -6.51
C ILE A 34 13.97 24.85 -7.68
N PRO A 35 14.69 24.86 -8.81
CA PRO A 35 14.35 25.75 -9.91
C PRO A 35 13.13 25.26 -10.68
N ASP A 36 12.16 26.16 -10.89
CA ASP A 36 10.93 25.80 -11.59
C ASP A 36 11.13 25.75 -13.10
N PHE A 37 11.29 24.52 -13.59
CA PHE A 37 11.17 24.16 -15.02
C PHE A 37 10.26 25.08 -15.87
N ARG A 38 9.12 25.48 -15.32
CA ARG A 38 8.20 26.39 -16.02
C ARG A 38 8.77 27.80 -16.08
N SER A 39 9.06 28.38 -14.91
CA SER A 39 9.52 29.78 -14.78
C SER A 39 10.45 30.22 -15.90
N PRO A 40 9.98 31.10 -16.81
CA PRO A 40 10.86 31.65 -17.84
C PRO A 40 11.99 32.52 -17.25
N GLY A 41 12.99 31.88 -16.65
CA GLY A 41 14.04 32.58 -15.89
C GLY A 41 14.82 31.73 -14.90
N SER A 42 14.21 30.67 -14.38
CA SER A 42 14.86 29.76 -13.42
C SER A 42 16.12 29.08 -13.99
N GLY A 43 16.82 28.32 -13.15
CA GLY A 43 18.04 27.64 -13.56
C GLY A 43 17.84 26.51 -14.55
N LEU A 44 16.67 25.88 -14.55
CA LEU A 44 16.39 24.69 -15.38
C LEU A 44 15.58 24.98 -16.66
N TYR A 45 14.90 26.12 -16.71
CA TYR A 45 14.14 26.53 -17.90
C TYR A 45 15.05 26.86 -19.10
N SER A 46 16.24 27.37 -18.82
CA SER A 46 17.21 27.74 -19.87
C SER A 46 17.80 26.52 -20.58
N ASN A 47 18.09 25.48 -19.80
CA ASN A 47 18.68 24.22 -20.30
C ASN A 47 17.67 23.36 -21.08
N LEU A 48 16.39 23.52 -20.76
CA LEU A 48 15.31 22.75 -21.40
C LEU A 48 14.71 23.47 -22.61
N GLN A 49 15.07 24.75 -22.79
CA GLN A 49 14.67 25.51 -23.98
C GLN A 49 15.47 25.11 -25.22
N GLN A 50 16.73 24.70 -25.03
CA GLN A 50 17.50 24.09 -26.12
C GLN A 50 16.84 22.76 -26.51
N TYR A 51 16.27 22.08 -25.52
CA TYR A 51 15.56 20.82 -25.74
C TYR A 51 14.15 21.00 -26.26
N ASP A 52 13.65 19.91 -26.83
CA ASP A 52 12.36 19.87 -27.51
C ASP A 52 11.22 19.89 -26.48
N LEU A 53 10.82 21.08 -26.02
CA LEU A 53 9.71 21.20 -25.05
C LEU A 53 8.76 22.34 -25.37
N PRO A 54 7.62 22.04 -26.02
CA PRO A 54 6.69 23.08 -26.45
C PRO A 54 6.08 23.82 -25.26
N TYR A 55 5.45 23.06 -24.36
CA TYR A 55 4.91 23.60 -23.12
C TYR A 55 5.53 22.81 -21.96
N PRO A 56 5.51 23.39 -20.75
CA PRO A 56 6.21 22.74 -19.66
C PRO A 56 5.58 21.43 -19.22
N GLU A 57 4.31 21.25 -19.54
CA GLU A 57 3.60 20.05 -19.14
C GLU A 57 4.18 18.83 -19.87
N ALA A 58 4.82 19.07 -21.01
CA ALA A 58 5.31 18.01 -21.92
C ALA A 58 6.17 16.96 -21.24
N ILE A 59 7.06 17.39 -20.34
CA ILE A 59 8.00 16.49 -19.61
C ILE A 59 7.33 15.33 -18.84
N PHE A 60 6.20 15.63 -18.18
CA PHE A 60 5.41 14.62 -17.49
C PHE A 60 4.16 14.23 -18.31
N GLU A 61 4.23 14.39 -19.63
CA GLU A 61 3.26 13.85 -20.56
C GLU A 61 3.85 12.56 -21.10
N LEU A 62 3.11 11.47 -20.98
CA LEU A 62 3.61 10.14 -21.35
C LEU A 62 3.89 10.00 -22.86
N PRO A 63 2.93 10.37 -23.73
CA PRO A 63 3.23 10.40 -25.17
C PRO A 63 4.55 11.12 -25.53
N PHE A 64 4.71 12.34 -25.03
CA PHE A 64 5.86 13.19 -25.38
C PHE A 64 7.17 12.59 -24.95
N PHE A 65 7.14 11.86 -23.84
CA PHE A 65 8.28 11.11 -23.34
C PHE A 65 8.83 10.17 -24.42
N PHE A 66 7.94 9.47 -25.11
CA PHE A 66 8.35 8.45 -26.08
C PHE A 66 8.99 9.07 -27.33
N HIS A 67 8.61 10.30 -27.67
CA HIS A 67 9.33 11.04 -28.71
C HIS A 67 10.69 11.53 -28.25
N ASN A 68 10.74 12.05 -27.03
CA ASN A 68 11.94 12.73 -26.51
C ASN A 68 11.90 12.75 -24.99
N PRO A 69 12.53 11.77 -24.36
CA PRO A 69 12.56 11.66 -22.91
C PRO A 69 13.75 12.35 -22.24
N LYS A 70 14.66 12.90 -23.03
CA LYS A 70 15.90 13.45 -22.48
C LYS A 70 15.71 14.71 -21.63
N PRO A 71 14.70 15.53 -21.94
CA PRO A 71 14.36 16.64 -21.06
C PRO A 71 13.85 16.19 -19.68
N PHE A 72 13.19 15.04 -19.62
CA PHE A 72 12.90 14.39 -18.32
C PHE A 72 14.16 13.88 -17.62
N PHE A 73 15.01 13.19 -18.40
CA PHE A 73 16.29 12.72 -17.88
C PHE A 73 17.35 13.83 -17.74
N THR A 74 17.08 15.02 -18.29
CA THR A 74 17.87 16.20 -17.99
C THR A 74 17.35 16.83 -16.70
N LEU A 75 16.03 16.81 -16.52
CA LEU A 75 15.43 17.26 -15.27
C LEU A 75 15.90 16.35 -14.15
N ALA A 76 15.57 15.07 -14.27
CA ALA A 76 15.88 14.05 -13.26
C ALA A 76 17.33 14.14 -12.76
N LYS A 77 18.26 14.16 -13.72
CA LYS A 77 19.68 14.40 -13.47
C LYS A 77 19.90 15.61 -12.56
N GLU A 78 19.25 16.74 -12.90
CA GLU A 78 19.33 17.97 -12.10
C GLU A 78 18.68 17.82 -10.71
N LEU A 79 17.74 16.89 -10.58
CA LEU A 79 17.11 16.59 -9.29
C LEU A 79 17.66 15.37 -8.55
N TYR A 80 18.45 14.52 -9.21
CA TYR A 80 18.76 13.21 -8.61
C TYR A 80 19.47 13.40 -7.26
N PRO A 81 18.87 12.84 -6.16
CA PRO A 81 19.35 13.05 -4.78
C PRO A 81 20.86 13.17 -4.63
N GLY A 82 21.31 14.38 -4.28
CA GLY A 82 22.73 14.74 -4.26
C GLY A 82 22.94 16.21 -4.61
N ASN A 83 22.08 16.73 -5.48
CA ASN A 83 22.15 18.12 -5.90
C ASN A 83 21.78 19.09 -4.78
N TYR A 84 20.67 18.80 -4.08
CA TYR A 84 20.02 19.79 -3.21
C TYR A 84 19.83 19.35 -1.74
N LYS A 85 19.95 20.31 -0.83
CA LYS A 85 19.74 20.11 0.61
C LYS A 85 18.26 20.26 0.95
N PRO A 86 17.80 19.66 2.07
CA PRO A 86 16.55 20.14 2.68
C PRO A 86 16.81 21.33 3.60
N ASN A 87 15.76 22.13 3.82
CA ASN A 87 15.81 23.33 4.66
C ASN A 87 15.06 23.11 5.95
N VAL A 88 14.93 24.16 6.76
CA VAL A 88 14.15 24.13 8.01
C VAL A 88 12.80 23.43 7.89
N THR A 89 12.06 23.76 6.84
CA THR A 89 10.69 23.32 6.69
C THR A 89 10.54 21.78 6.67
N HIS A 90 11.57 21.09 6.18
CA HIS A 90 11.60 19.62 6.24
C HIS A 90 12.00 19.13 7.62
N TYR A 91 13.02 19.76 8.19
CA TYR A 91 13.54 19.34 9.48
C TYR A 91 12.52 19.53 10.59
N PHE A 92 11.69 20.57 10.44
CA PHE A 92 10.52 20.72 11.26
C PHE A 92 9.67 19.46 11.17
N LEU A 93 9.35 19.05 9.95
CA LEU A 93 8.47 17.91 9.76
C LEU A 93 9.03 16.62 10.31
N ARG A 94 10.30 16.37 10.01
CA ARG A 94 11.05 15.22 10.55
C ARG A 94 10.98 15.19 12.08
N LEU A 95 11.01 16.38 12.67
CA LEU A 95 10.94 16.53 14.13
C LEU A 95 9.56 16.19 14.66
N LEU A 96 8.51 16.42 13.87
CA LEU A 96 7.20 15.92 14.23
C LEU A 96 7.28 14.41 14.42
N HIS A 97 7.79 13.74 13.39
CA HIS A 97 7.98 12.28 13.40
C HIS A 97 8.87 11.78 14.56
N ASP A 98 10.01 12.43 14.76
CA ASP A 98 10.89 12.12 15.89
C ASP A 98 10.14 12.23 17.21
N LYS A 99 9.20 13.17 17.29
CA LYS A 99 8.42 13.40 18.49
C LYS A 99 7.12 12.60 18.53
N GLY A 100 6.99 11.64 17.61
CA GLY A 100 5.83 10.74 17.56
C GLY A 100 4.55 11.51 17.37
N LEU A 101 4.53 12.35 16.35
CA LEU A 101 3.38 13.20 16.07
C LEU A 101 2.90 13.12 14.64
N LEU A 102 3.78 12.75 13.70
CA LEU A 102 3.42 12.73 12.29
C LEU A 102 2.65 11.45 11.94
N LEU A 103 1.38 11.59 11.57
CA LEU A 103 0.58 10.43 11.15
C LEU A 103 0.98 10.03 9.74
N ARG A 104 0.90 11.00 8.83
CA ARG A 104 1.30 10.79 7.44
C ARG A 104 1.67 12.12 6.76
N LEU A 105 2.69 12.08 5.91
CA LEU A 105 3.14 13.24 5.15
C LEU A 105 2.79 13.08 3.67
N TYR A 106 1.68 13.68 3.28
CA TYR A 106 1.26 13.68 1.90
C TYR A 106 2.01 14.82 1.20
N THR A 107 2.66 14.51 0.08
CA THR A 107 3.45 15.51 -0.63
C THR A 107 3.17 15.52 -2.14
N GLN A 108 3.15 16.72 -2.70
CA GLN A 108 3.08 16.91 -4.13
C GLN A 108 4.46 16.75 -4.75
N ASN A 109 5.48 17.16 -4.00
CA ASN A 109 6.84 17.27 -4.53
C ASN A 109 7.40 16.01 -5.18
N ILE A 110 8.51 16.20 -5.89
CA ILE A 110 9.23 15.12 -6.57
C ILE A 110 10.75 15.26 -6.36
N ASP A 111 11.14 16.04 -5.36
CA ASP A 111 12.55 16.42 -5.14
C ASP A 111 13.24 15.52 -4.15
N GLY A 112 12.46 14.67 -3.48
CA GLY A 112 13.00 13.62 -2.63
C GLY A 112 13.43 14.03 -1.24
N LEU A 113 13.27 15.32 -0.91
CA LEU A 113 13.96 15.90 0.24
C LEU A 113 13.28 15.65 1.59
N GLU A 114 12.06 15.15 1.55
CA GLU A 114 11.40 14.76 2.77
C GLU A 114 12.18 13.57 3.35
N ARG A 115 12.34 12.52 2.54
CA ARG A 115 13.15 11.36 2.92
C ARG A 115 14.55 11.79 3.32
N VAL A 116 15.13 12.77 2.63
CA VAL A 116 16.49 13.28 2.95
C VAL A 116 16.55 13.89 4.36
N SER A 117 15.44 14.51 4.77
CA SER A 117 15.30 15.04 6.12
C SER A 117 15.15 13.92 7.14
N GLY A 118 15.10 12.68 6.66
CA GLY A 118 15.23 11.50 7.51
C GLY A 118 13.89 10.91 7.94
N ILE A 119 12.84 11.26 7.23
CA ILE A 119 11.55 10.65 7.45
C ILE A 119 11.62 9.26 6.82
N PRO A 120 11.03 8.22 7.47
CA PRO A 120 10.94 6.88 6.88
C PRO A 120 10.11 6.84 5.59
N ALA A 121 10.20 5.74 4.85
CA ALA A 121 9.37 5.52 3.66
C ALA A 121 7.89 5.47 3.98
N SER A 122 7.56 4.81 5.10
CA SER A 122 6.17 4.55 5.49
C SER A 122 5.38 5.81 5.85
N LYS A 123 6.05 6.85 6.32
CA LYS A 123 5.32 8.05 6.74
C LYS A 123 4.95 8.95 5.58
N LEU A 124 5.43 8.62 4.39
CA LEU A 124 5.21 9.46 3.21
C LEU A 124 4.13 8.92 2.28
N VAL A 125 3.46 9.85 1.62
CA VAL A 125 2.67 9.55 0.45
C VAL A 125 3.12 10.50 -0.66
N GLU A 126 4.18 10.08 -1.34
CA GLU A 126 4.71 10.79 -2.49
C GLU A 126 3.70 10.74 -3.62
N ALA A 127 2.81 11.73 -3.63
CA ALA A 127 1.62 11.72 -4.48
C ALA A 127 1.92 11.83 -5.97
N HIS A 128 2.89 12.66 -6.35
CA HIS A 128 3.30 12.76 -7.76
C HIS A 128 4.57 11.94 -8.06
N GLY A 129 4.82 10.92 -7.24
CA GLY A 129 5.85 9.92 -7.52
C GLY A 129 7.17 10.13 -6.81
N THR A 130 8.16 9.33 -7.18
CA THR A 130 9.49 9.37 -6.57
C THR A 130 10.64 8.99 -7.50
N PHE A 131 11.78 9.62 -7.24
CA PHE A 131 13.04 9.24 -7.88
C PHE A 131 13.79 8.26 -6.99
N ALA A 132 13.08 7.21 -6.58
CA ALA A 132 13.66 6.09 -5.85
C ALA A 132 13.53 4.82 -6.70
N SER A 133 12.30 4.46 -7.04
CA SER A 133 12.02 3.22 -7.74
C SER A 133 11.65 3.47 -9.21
N ALA A 134 12.01 2.50 -10.06
CA ALA A 134 11.71 2.53 -11.49
C ALA A 134 10.73 1.42 -11.88
N THR A 135 10.27 1.48 -13.14
CA THR A 135 9.31 0.52 -13.70
C THR A 135 9.34 0.65 -15.23
N CYS A 136 9.62 -0.44 -15.94
CA CYS A 136 9.78 -0.40 -17.41
C CYS A 136 8.45 -0.05 -18.09
N THR A 137 8.46 0.93 -18.99
CA THR A 137 7.24 1.37 -19.68
C THR A 137 6.79 0.45 -20.84
N VAL A 138 7.26 -0.79 -20.85
CA VAL A 138 6.75 -1.80 -21.77
C VAL A 138 6.38 -3.02 -20.95
N CYS A 139 7.37 -3.70 -20.37
CA CYS A 139 7.16 -4.94 -19.63
C CYS A 139 6.77 -4.74 -18.16
N GLN A 140 6.89 -3.49 -17.67
CA GLN A 140 6.52 -3.12 -16.30
C GLN A 140 7.46 -3.66 -15.20
N ARG A 141 8.59 -4.24 -15.62
CA ARG A 141 9.54 -4.78 -14.66
C ARG A 141 10.05 -3.66 -13.76
N PRO A 142 10.00 -3.86 -12.42
CA PRO A 142 10.50 -2.87 -11.46
C PRO A 142 12.01 -2.99 -11.21
N PHE A 143 12.68 -1.84 -11.09
CA PHE A 143 14.13 -1.78 -10.87
C PHE A 143 14.46 -0.80 -9.75
N PRO A 144 15.60 -0.99 -9.05
CA PRO A 144 16.07 0.04 -8.10
C PRO A 144 16.52 1.28 -8.83
N GLY A 145 16.26 2.45 -8.25
CA GLY A 145 16.72 3.70 -8.84
C GLY A 145 18.21 3.73 -9.14
N GLU A 146 18.99 3.06 -8.32
CA GLU A 146 20.44 3.02 -8.54
C GLU A 146 20.68 2.47 -9.93
N ASP A 147 20.08 1.33 -10.25
CA ASP A 147 20.24 0.71 -11.57
C ASP A 147 20.16 1.80 -12.63
N ILE A 148 19.01 2.48 -12.66
CA ILE A 148 18.72 3.50 -13.69
C ILE A 148 19.19 4.94 -13.36
N ARG A 149 20.08 5.07 -12.35
CA ARG A 149 20.76 6.33 -12.02
C ARG A 149 22.08 6.38 -12.76
N ALA A 150 22.75 5.23 -12.83
CA ALA A 150 24.01 5.08 -13.58
C ALA A 150 23.87 5.57 -15.01
N ASP A 151 22.70 5.30 -15.59
CA ASP A 151 22.41 5.67 -16.99
C ASP A 151 22.09 7.15 -17.16
N VAL A 152 21.29 7.70 -16.24
CA VAL A 152 20.86 9.11 -16.33
C VAL A 152 22.05 10.07 -16.20
N MET A 153 22.88 9.84 -15.19
CA MET A 153 24.04 10.70 -14.92
C MET A 153 25.08 10.73 -16.05
N ALA A 154 25.06 9.69 -16.89
CA ALA A 154 26.09 9.50 -17.94
C ALA A 154 25.65 9.99 -19.33
N ASP A 155 24.40 10.43 -19.44
CA ASP A 155 23.78 10.84 -20.71
C ASP A 155 23.32 9.68 -21.58
N ARG A 156 23.00 8.55 -20.95
CA ARG A 156 22.36 7.44 -21.64
C ARG A 156 20.89 7.40 -21.25
N VAL A 157 20.02 7.07 -22.22
CA VAL A 157 18.60 6.84 -21.94
C VAL A 157 18.47 5.39 -21.52
N PRO A 158 18.03 5.16 -20.27
CA PRO A 158 17.95 3.80 -19.77
C PRO A 158 16.95 2.96 -20.55
N ARG A 159 17.27 1.68 -20.72
CA ARG A 159 16.40 0.74 -21.41
C ARG A 159 16.38 -0.58 -20.63
N CYS A 160 15.21 -1.19 -20.53
CA CYS A 160 15.05 -2.44 -19.81
C CYS A 160 16.06 -3.47 -20.30
N PRO A 161 16.74 -4.18 -19.37
CA PRO A 161 17.76 -5.16 -19.77
C PRO A 161 17.14 -6.41 -20.42
N VAL A 162 15.91 -6.75 -20.04
CA VAL A 162 15.22 -7.85 -20.71
C VAL A 162 14.59 -7.32 -22.00
N CYS A 163 13.49 -6.58 -21.88
CA CYS A 163 12.62 -6.26 -23.04
C CYS A 163 13.01 -5.04 -23.86
N THR A 164 14.04 -4.30 -23.42
CA THR A 164 14.53 -3.06 -24.08
C THR A 164 13.61 -1.84 -24.05
N GLY A 165 12.55 -1.86 -23.26
CA GLY A 165 11.71 -0.67 -23.10
C GLY A 165 12.47 0.43 -22.38
N VAL A 166 12.07 1.68 -22.55
CA VAL A 166 12.70 2.80 -21.85
C VAL A 166 12.24 2.82 -20.40
N VAL A 167 13.17 2.62 -19.47
CA VAL A 167 12.83 2.48 -18.06
C VAL A 167 12.61 3.85 -17.42
N LYS A 168 11.44 4.02 -16.83
CA LYS A 168 10.97 5.29 -16.34
C LYS A 168 10.81 5.25 -14.82
N PRO A 169 11.35 6.26 -14.10
CA PRO A 169 11.12 6.36 -12.66
C PRO A 169 9.64 6.44 -12.32
N ASP A 170 9.31 6.25 -11.04
CA ASP A 170 7.90 6.20 -10.65
C ASP A 170 7.34 7.58 -10.32
N ILE A 171 7.70 8.56 -11.16
CA ILE A 171 7.07 9.86 -11.14
C ILE A 171 5.72 9.64 -11.79
N VAL A 172 4.67 10.28 -11.27
CA VAL A 172 3.36 10.23 -11.88
C VAL A 172 3.31 11.26 -13.02
N PHE A 173 2.81 10.84 -14.17
CA PHE A 173 2.72 11.70 -15.36
C PHE A 173 1.26 12.02 -15.63
N PHE A 174 1.02 13.14 -16.29
CA PHE A 174 -0.35 13.65 -16.43
C PHE A 174 -1.25 12.61 -17.05
N GLY A 175 -2.16 12.08 -16.24
CA GLY A 175 -3.14 11.08 -16.66
C GLY A 175 -3.01 9.81 -15.82
N GLU A 176 -1.79 9.49 -15.41
CA GLU A 176 -1.53 8.26 -14.68
C GLU A 176 -2.21 8.23 -13.33
N PRO A 177 -2.75 7.06 -12.95
CA PRO A 177 -3.42 6.90 -11.66
C PRO A 177 -2.38 6.93 -10.54
N LEU A 178 -2.76 7.58 -9.43
CA LEU A 178 -1.83 7.92 -8.36
C LEU A 178 -1.33 6.67 -7.65
N PRO A 179 -0.17 6.76 -6.97
CA PRO A 179 0.37 5.55 -6.39
C PRO A 179 -0.65 4.88 -5.51
N GLN A 180 -0.58 3.55 -5.39
CA GLN A 180 -1.46 2.79 -4.52
C GLN A 180 -1.30 3.23 -3.08
N ARG A 181 -0.16 3.83 -2.75
CA ARG A 181 0.02 4.43 -1.44
C ARG A 181 -0.98 5.56 -1.17
N PHE A 182 -1.35 6.31 -2.21
CA PHE A 182 -2.38 7.36 -2.07
C PHE A 182 -3.67 6.84 -1.41
N LEU A 183 -4.07 5.62 -1.78
CA LEU A 183 -5.23 4.97 -1.16
C LEU A 183 -5.29 5.11 0.38
N LEU A 184 -4.14 5.33 1.03
CA LEU A 184 -4.09 5.68 2.46
C LEU A 184 -4.94 6.89 2.86
N HIS A 185 -5.09 7.88 1.98
CA HIS A 185 -5.93 9.05 2.30
C HIS A 185 -7.25 8.61 2.94
N VAL A 186 -7.80 7.50 2.45
CA VAL A 186 -9.04 6.93 2.96
C VAL A 186 -8.96 6.75 4.48
N VAL A 187 -7.87 6.16 4.97
CA VAL A 187 -7.74 5.93 6.41
C VAL A 187 -7.18 7.11 7.19
N ASP A 188 -6.18 7.80 6.65
CA ASP A 188 -5.48 8.85 7.39
C ASP A 188 -6.31 10.10 7.63
N PHE A 189 -7.10 10.53 6.65
CA PHE A 189 -7.75 11.84 6.74
C PHE A 189 -8.85 11.92 7.79
N PRO A 190 -9.75 10.92 7.80
CA PRO A 190 -10.74 10.85 8.89
C PRO A 190 -10.13 10.38 10.21
N MET A 191 -8.87 9.92 10.16
CA MET A 191 -8.14 9.53 11.35
C MET A 191 -7.10 10.60 11.74
N ALA A 192 -7.43 11.87 11.54
CA ALA A 192 -6.47 12.94 11.82
C ALA A 192 -7.02 13.92 12.85
N ASP A 193 -6.14 14.39 13.74
CA ASP A 193 -6.48 15.39 14.74
C ASP A 193 -5.57 16.63 14.64
N LEU A 194 -5.06 16.88 13.44
CA LEU A 194 -4.42 18.14 13.07
C LEU A 194 -4.08 18.17 11.58
N LEU A 195 -4.61 19.16 10.88
CA LEU A 195 -4.30 19.35 9.46
C LEU A 195 -3.34 20.54 9.28
N LEU A 196 -2.21 20.28 8.62
CA LEU A 196 -1.13 21.26 8.47
C LEU A 196 -0.71 21.37 7.01
N ILE A 197 -1.13 22.44 6.36
CA ILE A 197 -0.84 22.65 4.94
C ILE A 197 0.34 23.58 4.76
N LEU A 198 1.48 23.01 4.38
CA LEU A 198 2.74 23.78 4.27
C LEU A 198 3.11 24.11 2.83
N GLY A 199 2.82 25.35 2.43
CA GLY A 199 3.28 25.89 1.16
C GLY A 199 2.79 25.15 -0.07
N THR A 200 1.48 25.18 -0.29
CA THR A 200 0.90 24.60 -1.50
C THR A 200 -0.29 25.47 -1.94
N SER A 201 -0.44 25.61 -3.25
CA SER A 201 -1.42 26.51 -3.86
C SER A 201 -2.85 25.94 -3.96
N LEU A 202 -2.99 24.62 -3.76
CA LEU A 202 -4.30 23.92 -3.68
C LEU A 202 -5.22 24.00 -4.92
N GLU A 203 -4.67 24.38 -6.06
CA GLU A 203 -5.45 24.47 -7.29
C GLU A 203 -5.98 23.09 -7.67
N VAL A 204 -5.06 22.17 -7.91
CA VAL A 204 -5.38 20.89 -8.56
C VAL A 204 -6.18 19.96 -7.63
N GLU A 205 -7.07 19.18 -8.22
CA GLU A 205 -7.76 18.10 -7.52
C GLU A 205 -7.04 16.79 -7.87
N PRO A 206 -7.11 15.77 -6.99
CA PRO A 206 -7.87 15.65 -5.75
C PRO A 206 -7.29 16.40 -4.55
N PHE A 207 -5.96 16.49 -4.51
CA PHE A 207 -5.22 16.88 -3.32
C PHE A 207 -5.92 17.93 -2.45
N ALA A 208 -6.58 18.90 -3.06
CA ALA A 208 -7.31 19.93 -2.31
C ALA A 208 -8.45 19.37 -1.45
N SER A 209 -9.42 18.71 -2.10
CA SER A 209 -10.61 18.13 -1.43
C SER A 209 -10.32 17.43 -0.10
N LEU A 210 -9.16 16.76 -0.02
CA LEU A 210 -8.73 16.04 1.17
C LEU A 210 -8.62 16.96 2.40
N THR A 211 -8.54 18.26 2.15
CA THR A 211 -8.65 19.23 3.23
C THR A 211 -9.97 19.08 3.99
N GLU A 212 -11.02 18.65 3.30
CA GLU A 212 -12.35 18.51 3.89
C GLU A 212 -12.69 17.12 4.44
N ALA A 213 -11.91 16.11 4.06
CA ALA A 213 -12.12 14.74 4.54
C ALA A 213 -11.75 14.59 6.03
N VAL A 214 -11.02 15.56 6.58
CA VAL A 214 -10.86 15.65 8.04
C VAL A 214 -12.21 15.88 8.71
N ARG A 215 -12.24 15.80 10.03
CA ARG A 215 -13.47 15.96 10.78
C ARG A 215 -13.61 17.39 11.28
N SER A 216 -14.85 17.88 11.33
CA SER A 216 -15.15 19.29 11.61
C SER A 216 -14.77 19.73 13.01
N SER A 217 -14.50 18.78 13.90
CA SER A 217 -13.89 19.10 15.18
C SER A 217 -12.42 19.47 15.02
N VAL A 218 -11.80 19.05 13.91
CA VAL A 218 -10.35 19.13 13.74
C VAL A 218 -9.91 20.51 13.21
N PRO A 219 -8.88 21.12 13.85
CA PRO A 219 -8.28 22.34 13.30
C PRO A 219 -7.47 22.12 12.02
N ARG A 220 -7.65 23.01 11.05
CA ARG A 220 -6.85 23.01 9.85
C ARG A 220 -5.91 24.22 9.89
N LEU A 221 -4.63 23.96 9.68
CA LEU A 221 -3.60 25.02 9.69
C LEU A 221 -3.02 25.14 8.31
N LEU A 222 -2.66 26.37 7.96
CA LEU A 222 -2.13 26.71 6.65
C LEU A 222 -0.98 27.71 6.78
N ILE A 223 0.23 27.26 6.45
CA ILE A 223 1.39 28.15 6.40
C ILE A 223 1.79 28.32 4.95
N ASN A 224 1.69 29.55 4.46
CA ASN A 224 1.69 29.83 3.03
C ASN A 224 1.62 31.32 2.79
N ARG A 225 2.03 31.76 1.58
CA ARG A 225 1.85 33.16 1.15
C ARG A 225 0.43 33.67 1.41
N ASP A 226 -0.57 32.91 0.96
CA ASP A 226 -1.96 33.37 0.95
C ASP A 226 -2.97 32.27 1.25
N LEU A 227 -4.16 32.69 1.62
CA LEU A 227 -5.28 31.78 1.89
C LEU A 227 -5.86 31.23 0.58
N VAL A 228 -5.48 30.01 0.22
CA VAL A 228 -5.94 29.40 -1.02
C VAL A 228 -6.83 28.18 -0.78
N GLY A 229 -7.41 27.69 -1.88
CA GLY A 229 -8.04 26.38 -1.92
C GLY A 229 -9.37 26.29 -1.18
N PRO A 230 -9.71 25.08 -0.70
CA PRO A 230 -10.92 24.83 0.08
C PRO A 230 -10.91 25.44 1.50
N LEU A 231 -9.85 26.16 1.87
CA LEU A 231 -9.88 27.04 3.03
C LEU A 231 -10.44 28.40 2.59
N ALA A 232 -10.10 28.79 1.37
CA ALA A 232 -10.53 30.06 0.77
C ALA A 232 -11.91 30.04 0.10
N TRP A 233 -12.56 28.88 0.09
CA TRP A 233 -13.94 28.76 -0.34
C TRP A 233 -14.82 28.23 0.78
N HIS A 234 -14.32 27.21 1.49
CA HIS A 234 -15.00 26.65 2.67
C HIS A 234 -14.13 26.63 3.94
N PRO A 235 -13.96 27.81 4.58
CA PRO A 235 -13.33 27.81 5.87
C PRO A 235 -14.26 27.22 6.93
N ARG A 236 -13.70 26.90 8.09
CA ARG A 236 -14.45 26.26 9.17
C ARG A 236 -14.13 26.94 10.49
N SER A 237 -14.80 26.47 11.55
CA SER A 237 -14.75 27.11 12.88
C SER A 237 -13.40 27.00 13.64
N ARG A 238 -12.49 26.17 13.14
CA ARG A 238 -11.20 25.95 13.81
C ARG A 238 -10.01 26.15 12.88
N ASP A 239 -10.14 26.98 11.85
CA ASP A 239 -9.05 27.16 10.88
C ASP A 239 -8.10 28.28 11.33
N VAL A 240 -6.81 28.12 11.03
CA VAL A 240 -5.86 29.22 11.20
C VAL A 240 -4.94 29.31 10.00
N ALA A 241 -4.66 30.54 9.57
CA ALA A 241 -3.80 30.78 8.42
C ALA A 241 -2.64 31.67 8.83
N GLN A 242 -1.48 31.07 9.02
CA GLN A 242 -0.28 31.84 9.17
C GLN A 242 0.03 32.38 7.78
N LEU A 243 -0.47 33.58 7.52
CA LEU A 243 -0.40 34.19 6.21
C LEU A 243 0.86 35.02 6.12
N GLY A 244 1.75 34.59 5.23
CA GLY A 244 3.09 35.19 5.05
C GLY A 244 4.09 34.20 4.46
N ASP A 245 5.38 34.45 4.64
CA ASP A 245 6.39 33.50 4.18
C ASP A 245 6.33 32.21 5.02
N VAL A 246 6.46 31.08 4.33
CA VAL A 246 6.36 29.76 4.97
C VAL A 246 7.46 29.58 6.01
N VAL A 247 8.71 29.86 5.64
CA VAL A 247 9.82 29.63 6.55
C VAL A 247 9.64 30.39 7.88
N HIS A 248 9.33 31.67 7.81
CA HIS A 248 9.23 32.46 9.03
C HIS A 248 8.08 31.99 9.90
N GLY A 249 7.00 31.55 9.26
CA GLY A 249 5.86 30.96 9.97
C GLY A 249 6.25 29.68 10.66
N VAL A 250 7.08 28.88 10.00
CA VAL A 250 7.65 27.69 10.61
C VAL A 250 8.61 28.06 11.74
N GLU A 251 9.34 29.15 11.58
CA GLU A 251 10.24 29.65 12.62
C GLU A 251 9.51 30.23 13.86
N SER A 252 8.33 30.81 13.63
CA SER A 252 7.51 31.33 14.73
C SER A 252 6.81 30.19 15.46
N LEU A 253 6.22 29.30 14.67
CA LEU A 253 5.52 28.12 15.15
C LEU A 253 6.44 27.25 16.02
N VAL A 254 7.59 26.89 15.47
CA VAL A 254 8.60 26.15 16.22
C VAL A 254 8.78 26.80 17.58
N GLU A 255 8.99 28.12 17.56
CA GLU A 255 9.34 28.87 18.76
C GLU A 255 8.19 28.84 19.78
N LEU A 256 6.96 29.03 19.32
CA LEU A 256 5.76 28.99 20.18
C LEU A 256 5.45 27.61 20.75
N LEU A 257 5.96 26.57 20.09
CA LEU A 257 5.98 25.19 20.62
C LEU A 257 7.10 25.02 21.65
N GLY A 258 8.26 25.61 21.36
CA GLY A 258 9.43 25.47 22.20
C GLY A 258 10.35 24.36 21.71
N TRP A 259 10.55 24.28 20.39
CA TRP A 259 11.52 23.34 19.80
C TRP A 259 12.71 24.08 19.18
N THR A 260 13.10 25.21 19.75
CA THR A 260 14.22 25.98 19.21
C THR A 260 15.50 25.12 19.17
N GLU A 261 16.00 24.78 20.37
CA GLU A 261 17.29 24.08 20.52
C GLU A 261 17.33 22.73 19.81
N GLU A 262 16.20 22.02 19.81
CA GLU A 262 16.11 20.68 19.23
C GLU A 262 16.07 20.81 17.71
N MET A 263 15.46 21.89 17.22
CA MET A 263 15.57 22.27 15.81
C MET A 263 17.00 22.71 15.50
N ARG A 264 17.57 23.49 16.42
CA ARG A 264 18.94 23.99 16.27
C ARG A 264 19.95 22.84 16.21
N ASP A 265 19.75 21.80 17.02
CA ASP A 265 20.69 20.68 17.06
C ASP A 265 20.45 19.66 15.96
N LEU A 266 19.19 19.29 15.74
CA LEU A 266 18.82 18.39 14.64
C LEU A 266 19.55 18.78 13.36
N VAL A 267 19.29 20.02 12.94
CA VAL A 267 19.80 20.57 11.69
C VAL A 267 21.34 20.60 11.67
N GLN A 268 21.94 20.84 12.83
CA GLN A 268 23.40 20.74 13.00
C GLN A 268 23.85 19.28 12.84
N ARG A 269 23.07 18.34 13.38
CA ARG A 269 23.41 16.92 13.29
C ARG A 269 23.31 16.43 11.85
N GLU A 270 22.19 16.73 11.20
CA GLU A 270 21.89 16.10 9.92
C GLU A 270 22.76 16.61 8.78
N THR A 271 23.16 17.88 8.86
CA THR A 271 24.07 18.49 7.88
C THR A 271 25.51 18.41 8.39
N ARG B 1 -10.57 1.50 9.68
CA ARG B 1 -11.96 0.96 9.85
C ARG B 1 -12.02 -0.56 9.93
N HIS B 2 -11.72 -1.22 8.82
CA HIS B 2 -11.91 -2.67 8.71
C HIS B 2 -10.88 -3.40 9.57
N LYS B 3 -11.33 -3.91 10.71
CA LYS B 3 -10.48 -4.66 11.62
C LYS B 3 -10.74 -6.15 11.46
OH ALY B 4 -7.74 -15.90 11.31
CH ALY B 4 -6.80 -15.17 11.55
CH3 ALY B 4 -5.38 -15.73 11.53
NZ ALY B 4 -6.92 -13.87 11.86
CE ALY B 4 -8.22 -13.19 11.93
CD ALY B 4 -8.00 -11.68 12.05
CG ALY B 4 -9.30 -10.92 11.84
CB ALY B 4 -8.99 -9.47 11.42
CA ALY B 4 -10.26 -8.59 11.44
N ALY B 4 -9.96 -7.15 11.38
C ALY B 4 -10.93 -8.83 12.75
O ALY B 4 -10.25 -8.80 13.77
N GLY C 1 -29.44 -19.58 -13.11
CA GLY C 1 -28.49 -18.57 -13.65
C GLY C 1 -28.14 -18.80 -15.10
N LYS C 2 -28.71 -17.98 -15.99
CA LYS C 2 -28.54 -18.11 -17.45
C LYS C 2 -27.16 -18.62 -17.86
N LEU C 3 -26.12 -18.12 -17.18
CA LEU C 3 -24.74 -18.59 -17.37
C LEU C 3 -24.53 -20.00 -16.81
N SER C 4 -23.95 -20.89 -17.62
CA SER C 4 -23.55 -22.20 -17.16
C SER C 4 -22.22 -22.06 -16.42
N LEU C 5 -21.37 -23.09 -16.48
CA LEU C 5 -19.97 -22.95 -16.06
C LEU C 5 -19.06 -22.75 -17.28
N GLN C 6 -19.43 -23.33 -18.42
CA GLN C 6 -18.60 -23.17 -19.60
C GLN C 6 -18.67 -21.74 -20.12
N ASP C 7 -19.83 -21.11 -19.99
CA ASP C 7 -20.01 -19.72 -20.45
C ASP C 7 -19.02 -18.77 -19.81
N VAL C 8 -18.77 -18.97 -18.52
CA VAL C 8 -17.66 -18.31 -17.82
C VAL C 8 -16.39 -18.63 -18.61
N ALA C 9 -16.04 -19.91 -18.68
CA ALA C 9 -14.82 -20.35 -19.39
C ALA C 9 -14.71 -19.78 -20.80
N GLU C 10 -15.83 -19.68 -21.50
CA GLU C 10 -15.86 -19.11 -22.85
C GLU C 10 -15.42 -17.64 -22.85
N LEU C 11 -15.67 -16.93 -21.76
CA LEU C 11 -15.25 -15.53 -21.66
C LEU C 11 -13.76 -15.43 -21.43
N ILE C 12 -13.28 -16.12 -20.40
CA ILE C 12 -11.83 -16.18 -20.08
C ILE C 12 -11.01 -16.63 -21.29
N ARG C 13 -11.45 -17.72 -21.93
CA ARG C 13 -10.83 -18.22 -23.16
C ARG C 13 -10.86 -17.20 -24.31
N ALA C 14 -12.04 -16.65 -24.59
CA ALA C 14 -12.20 -15.62 -25.61
C ALA C 14 -11.82 -14.29 -25.00
N ARG C 15 -10.57 -14.23 -24.51
CA ARG C 15 -10.05 -13.16 -23.64
C ARG C 15 -11.00 -11.99 -23.36
N ALA C 16 -12.24 -12.33 -22.99
CA ALA C 16 -13.30 -11.37 -22.71
C ALA C 16 -13.37 -11.03 -21.23
N CYS C 17 -12.35 -11.45 -20.47
CA CYS C 17 -12.16 -11.03 -19.09
C CYS C 17 -10.67 -10.90 -18.79
N GLN C 18 -10.18 -9.67 -18.92
CA GLN C 18 -8.75 -9.36 -18.82
C GLN C 18 -8.30 -9.12 -17.39
N ARG C 19 -9.28 -8.92 -16.50
CA ARG C 19 -9.01 -8.36 -15.18
C ARG C 19 -9.75 -9.16 -14.11
N VAL C 20 -9.48 -10.46 -14.08
CA VAL C 20 -10.11 -11.36 -13.11
C VAL C 20 -9.65 -11.00 -11.71
N VAL C 21 -10.58 -11.08 -10.75
CA VAL C 21 -10.23 -10.97 -9.32
C VAL C 21 -10.64 -12.27 -8.63
N VAL C 22 -9.82 -12.70 -7.66
CA VAL C 22 -10.02 -13.97 -6.98
C VAL C 22 -10.18 -13.74 -5.48
N MET C 23 -11.12 -14.47 -4.87
CA MET C 23 -11.30 -14.44 -3.44
C MET C 23 -11.26 -15.87 -2.90
N VAL C 24 -10.34 -16.09 -1.96
CA VAL C 24 -10.11 -17.42 -1.41
C VAL C 24 -10.07 -17.41 0.11
N GLY C 25 -10.53 -18.52 0.69
CA GLY C 25 -10.48 -18.74 2.12
C GLY C 25 -9.80 -20.06 2.45
N ALA C 26 -10.35 -20.79 3.41
CA ALA C 26 -9.76 -22.06 3.87
C ALA C 26 -10.20 -23.30 3.06
N GLY C 27 -11.06 -23.11 2.06
CA GLY C 27 -11.44 -24.18 1.16
C GLY C 27 -10.32 -24.75 0.29
N ILE C 28 -9.41 -23.88 -0.17
CA ILE C 28 -8.32 -24.30 -1.09
C ILE C 28 -7.08 -24.93 -0.41
N SER C 29 -6.96 -24.80 0.91
CA SER C 29 -5.75 -25.26 1.61
C SER C 29 -5.87 -26.59 2.36
N THR C 30 -7.09 -27.06 2.62
CA THR C 30 -7.28 -28.36 3.28
C THR C 30 -6.88 -29.56 2.42
N PRO C 31 -7.08 -29.47 1.07
CA PRO C 31 -6.51 -30.48 0.18
C PRO C 31 -5.01 -30.64 0.37
N SER C 32 -4.32 -29.53 0.61
CA SER C 32 -2.89 -29.54 0.97
C SER C 32 -2.59 -30.16 2.36
N GLY C 33 -3.63 -30.62 3.07
CA GLY C 33 -3.45 -31.16 4.41
C GLY C 33 -3.31 -30.10 5.49
N ILE C 34 -3.83 -28.90 5.22
CA ILE C 34 -3.93 -27.86 6.23
C ILE C 34 -5.28 -28.06 6.93
N PRO C 35 -5.26 -28.38 8.23
CA PRO C 35 -6.53 -28.50 8.94
C PRO C 35 -7.11 -27.10 9.32
N ASP C 36 -7.77 -26.98 10.48
CA ASP C 36 -8.21 -25.69 11.04
C ASP C 36 -7.98 -25.64 12.56
N PHE C 37 -7.71 -24.42 13.08
CA PHE C 37 -7.35 -24.21 14.52
C PHE C 37 -8.51 -24.24 15.53
N ARG C 38 -9.75 -24.34 15.02
CA ARG C 38 -10.95 -24.55 15.83
C ARG C 38 -11.56 -25.95 15.65
N SER C 39 -11.40 -26.54 14.46
CA SER C 39 -11.90 -27.89 14.18
C SER C 39 -11.13 -28.92 15.03
N PRO C 40 -11.84 -29.68 15.89
CA PRO C 40 -11.15 -30.66 16.75
C PRO C 40 -10.73 -31.95 16.03
N GLY C 41 -9.49 -32.38 16.23
CA GLY C 41 -9.02 -33.67 15.71
C GLY C 41 -7.52 -33.83 15.43
N SER C 42 -6.94 -32.86 14.73
CA SER C 42 -5.59 -33.01 14.13
C SER C 42 -4.43 -33.03 15.14
N GLY C 43 -3.20 -33.06 14.63
CA GLY C 43 -2.00 -33.03 15.46
C GLY C 43 -1.70 -31.69 16.12
N LEU C 44 -2.14 -30.60 15.49
CA LEU C 44 -1.85 -29.25 15.99
C LEU C 44 -2.92 -28.78 16.98
N TYR C 45 -4.19 -29.00 16.64
CA TYR C 45 -5.31 -28.68 17.54
C TYR C 45 -5.23 -29.46 18.86
N SER C 46 -4.76 -30.70 18.78
CA SER C 46 -4.63 -31.58 19.95
C SER C 46 -3.46 -31.17 20.87
N ASN C 47 -2.30 -30.95 20.27
CA ASN C 47 -1.11 -30.52 21.03
C ASN C 47 -1.31 -29.21 21.79
N LEU C 48 -2.16 -28.31 21.26
CA LEU C 48 -2.37 -26.98 21.83
C LEU C 48 -3.46 -26.91 22.91
N GLN C 49 -4.25 -27.98 23.04
CA GLN C 49 -5.16 -28.11 24.18
C GLN C 49 -4.37 -28.30 25.46
N GLN C 50 -3.25 -29.03 25.37
CA GLN C 50 -2.34 -29.17 26.50
C GLN C 50 -1.77 -27.79 26.84
N TYR C 51 -1.46 -27.01 25.80
CA TYR C 51 -1.06 -25.60 25.97
C TYR C 51 -2.20 -24.81 26.59
N ASP C 52 -1.84 -23.79 27.36
CA ASP C 52 -2.82 -22.84 27.88
C ASP C 52 -3.66 -22.20 26.74
N LEU C 53 -4.55 -23.00 26.14
CA LEU C 53 -5.53 -22.50 25.15
C LEU C 53 -6.95 -22.87 25.58
N PRO C 54 -7.72 -21.86 26.06
CA PRO C 54 -9.08 -22.15 26.49
C PRO C 54 -9.95 -22.51 25.29
N TYR C 55 -10.21 -21.54 24.43
CA TYR C 55 -11.02 -21.73 23.24
C TYR C 55 -10.13 -21.42 22.05
N PRO C 56 -10.37 -22.09 20.91
CA PRO C 56 -9.36 -22.20 19.85
C PRO C 56 -8.84 -20.88 19.28
N GLU C 57 -9.71 -19.87 19.23
CA GLU C 57 -9.34 -18.59 18.68
C GLU C 57 -8.24 -17.91 19.49
N ALA C 58 -8.22 -18.12 20.81
CA ALA C 58 -7.28 -17.48 21.74
C ALA C 58 -5.84 -17.31 21.26
N ILE C 59 -5.38 -18.25 20.43
CA ILE C 59 -4.10 -18.11 19.70
C ILE C 59 -3.92 -16.71 19.12
N PHE C 60 -4.90 -16.26 18.31
CA PHE C 60 -4.81 -15.00 17.57
C PHE C 60 -5.48 -13.84 18.32
N GLU C 61 -5.37 -13.85 19.64
CA GLU C 61 -5.77 -12.72 20.46
C GLU C 61 -4.50 -12.21 21.19
N LEU C 62 -4.38 -10.88 21.29
CA LEU C 62 -3.16 -10.30 21.88
C LEU C 62 -3.15 -10.45 23.40
N PRO C 63 -4.24 -10.08 24.10
CA PRO C 63 -4.24 -10.30 25.55
C PRO C 63 -4.12 -11.75 26.02
N PHE C 64 -3.90 -12.67 25.08
CA PHE C 64 -3.40 -14.03 25.40
C PHE C 64 -2.01 -14.28 24.84
N PHE C 65 -1.69 -13.66 23.71
CA PHE C 65 -0.32 -13.67 23.19
C PHE C 65 0.65 -13.12 24.24
N PHE C 66 0.17 -12.15 25.02
CA PHE C 66 0.93 -11.57 26.14
C PHE C 66 0.89 -12.42 27.44
N HIS C 67 -0.20 -13.14 27.69
CA HIS C 67 -0.16 -14.17 28.73
C HIS C 67 0.80 -15.28 28.32
N ASN C 68 0.53 -15.92 27.18
CA ASN C 68 1.33 -17.04 26.68
C ASN C 68 1.42 -17.05 25.14
N PRO C 69 2.60 -16.71 24.58
CA PRO C 69 2.78 -16.69 23.12
C PRO C 69 3.12 -18.05 22.49
N LYS C 70 3.27 -19.10 23.31
CA LYS C 70 3.75 -20.42 22.85
C LYS C 70 2.83 -21.15 21.86
N PRO C 71 1.51 -21.10 22.08
CA PRO C 71 0.62 -21.89 21.23
C PRO C 71 0.64 -21.42 19.79
N PHE C 72 0.47 -20.11 19.60
CA PHE C 72 0.56 -19.51 18.27
C PHE C 72 1.89 -19.86 17.61
N PHE C 73 2.97 -19.59 18.34
CA PHE C 73 4.30 -19.87 17.83
C PHE C 73 4.49 -21.36 17.54
N THR C 74 3.90 -22.21 18.37
CA THR C 74 3.94 -23.64 18.12
C THR C 74 3.17 -23.91 16.83
N LEU C 75 2.06 -23.20 16.60
CA LEU C 75 1.34 -23.29 15.32
C LEU C 75 2.20 -22.78 14.17
N ALA C 76 2.97 -21.73 14.41
CA ALA C 76 3.83 -21.15 13.38
C ALA C 76 4.79 -22.19 12.78
N LYS C 77 5.40 -23.01 13.63
CA LYS C 77 6.28 -24.06 13.16
C LYS C 77 5.57 -24.82 12.07
N GLU C 78 4.33 -25.21 12.35
CA GLU C 78 3.53 -25.98 11.42
C GLU C 78 3.41 -25.27 10.08
N LEU C 79 2.85 -24.07 10.08
CA LEU C 79 2.53 -23.38 8.82
C LEU C 79 3.70 -22.75 8.07
N TYR C 80 4.90 -22.70 8.66
CA TYR C 80 6.07 -22.23 7.93
C TYR C 80 6.33 -23.15 6.72
N PRO C 81 6.35 -22.58 5.49
CA PRO C 81 6.63 -23.37 4.29
C PRO C 81 7.82 -24.32 4.44
N GLY C 82 7.62 -25.54 3.95
CA GLY C 82 8.40 -26.72 4.32
C GLY C 82 7.48 -27.87 4.73
N ASN C 83 6.26 -27.54 5.13
CA ASN C 83 5.32 -28.52 5.66
C ASN C 83 4.06 -28.75 4.83
N TYR C 84 3.86 -27.98 3.76
CA TYR C 84 2.65 -28.14 2.95
C TYR C 84 2.80 -27.70 1.48
N LYS C 85 2.26 -28.51 0.57
CA LYS C 85 2.33 -28.25 -0.86
C LYS C 85 1.14 -27.42 -1.30
N PRO C 86 1.37 -26.34 -2.06
CA PRO C 86 0.24 -25.71 -2.74
C PRO C 86 -0.27 -26.64 -3.85
N ASN C 87 -1.59 -26.80 -3.94
CA ASN C 87 -2.21 -27.79 -4.82
C ASN C 87 -2.77 -27.19 -6.12
N VAL C 88 -3.56 -27.98 -6.85
CA VAL C 88 -4.09 -27.58 -8.16
C VAL C 88 -4.91 -26.28 -8.06
N THR C 89 -5.51 -26.00 -6.91
CA THR C 89 -6.22 -24.75 -6.73
C THR C 89 -5.23 -23.58 -6.71
N HIS C 90 -4.23 -23.68 -5.83
CA HIS C 90 -3.16 -22.68 -5.72
C HIS C 90 -2.45 -22.41 -7.05
N TYR C 91 -2.37 -23.42 -7.91
CA TYR C 91 -1.71 -23.27 -9.21
C TYR C 91 -2.61 -22.69 -10.28
N PHE C 92 -3.86 -23.15 -10.35
CA PHE C 92 -4.84 -22.52 -11.25
C PHE C 92 -4.74 -21.01 -11.13
N LEU C 93 -4.52 -20.55 -9.90
CA LEU C 93 -4.42 -19.14 -9.60
C LEU C 93 -3.08 -18.59 -10.08
N ARG C 94 -2.02 -19.33 -9.83
CA ARG C 94 -0.73 -19.03 -10.45
C ARG C 94 -0.90 -18.92 -11.95
N LEU C 95 -1.66 -19.85 -12.52
CA LEU C 95 -1.92 -19.91 -13.96
C LEU C 95 -2.76 -18.72 -14.42
N LEU C 96 -3.71 -18.28 -13.58
CA LEU C 96 -4.41 -17.01 -13.83
C LEU C 96 -3.45 -15.82 -13.89
N HIS C 97 -2.40 -15.81 -13.06
CA HIS C 97 -1.34 -14.81 -13.19
C HIS C 97 -0.56 -14.99 -14.50
N ASP C 98 0.02 -16.17 -14.69
CA ASP C 98 0.84 -16.48 -15.86
C ASP C 98 0.29 -15.93 -17.18
N LYS C 99 -1.03 -15.96 -17.32
CA LYS C 99 -1.71 -15.53 -18.53
C LYS C 99 -2.22 -14.09 -18.45
N GLY C 100 -1.70 -13.31 -17.48
CA GLY C 100 -2.10 -11.92 -17.32
C GLY C 100 -3.58 -11.68 -17.14
N LEU C 101 -4.22 -12.54 -16.34
CA LEU C 101 -5.66 -12.44 -16.12
C LEU C 101 -6.00 -11.98 -14.69
N LEU C 102 -5.24 -12.47 -13.72
CA LEU C 102 -5.50 -12.13 -12.32
C LEU C 102 -5.18 -10.68 -12.06
N LEU C 103 -6.10 -9.98 -11.40
CA LEU C 103 -5.91 -8.58 -10.99
C LEU C 103 -5.42 -8.52 -9.57
N ARG C 104 -6.03 -9.28 -8.68
CA ARG C 104 -5.54 -9.40 -7.31
C ARG C 104 -6.07 -10.66 -6.66
N LEU C 105 -5.33 -11.19 -5.69
CA LEU C 105 -5.76 -12.37 -4.96
C LEU C 105 -6.04 -12.07 -3.49
N TYR C 106 -7.33 -11.98 -3.15
CA TYR C 106 -7.75 -11.74 -1.78
C TYR C 106 -7.88 -13.06 -1.03
N THR C 107 -6.90 -13.31 -0.15
CA THR C 107 -6.78 -14.57 0.54
C THR C 107 -7.02 -14.38 2.02
N GLN C 108 -7.87 -15.24 2.57
CA GLN C 108 -8.18 -15.23 3.99
C GLN C 108 -7.17 -16.07 4.76
N ASN C 109 -6.16 -16.64 4.09
CA ASN C 109 -5.30 -17.63 4.70
C ASN C 109 -3.99 -17.08 5.32
N ILE C 110 -3.27 -17.96 6.00
CA ILE C 110 -1.95 -17.65 6.61
C ILE C 110 -0.85 -18.65 6.24
N ASP C 111 -1.20 -19.66 5.44
CA ASP C 111 -0.25 -20.71 5.05
C ASP C 111 0.83 -20.15 4.14
N GLY C 112 0.43 -19.18 3.31
CA GLY C 112 1.32 -18.56 2.33
C GLY C 112 1.59 -19.44 1.14
N LEU C 113 0.79 -20.51 0.99
CA LEU C 113 0.91 -21.41 -0.15
C LEU C 113 0.65 -20.65 -1.44
N GLU C 114 -0.06 -19.51 -1.31
CA GLU C 114 -0.20 -18.57 -2.41
C GLU C 114 1.17 -18.04 -2.90
N ARG C 115 1.90 -17.33 -2.04
CA ARG C 115 3.24 -16.81 -2.45
C ARG C 115 4.06 -17.92 -3.04
N VAL C 116 4.00 -19.10 -2.43
CA VAL C 116 4.84 -20.24 -2.81
C VAL C 116 4.46 -20.84 -4.19
N SER C 117 3.24 -20.53 -4.65
CA SER C 117 2.73 -21.04 -5.93
C SER C 117 3.36 -20.32 -7.14
N GLY C 118 4.13 -19.28 -6.88
CA GLY C 118 4.79 -18.55 -7.96
C GLY C 118 4.03 -17.29 -8.30
N ILE C 119 3.04 -16.95 -7.49
CA ILE C 119 2.41 -15.63 -7.57
C ILE C 119 3.38 -14.66 -6.90
N PRO C 120 3.51 -13.43 -7.45
CA PRO C 120 4.39 -12.48 -6.78
C PRO C 120 3.64 -11.76 -5.66
N ALA C 121 4.42 -11.11 -4.79
CA ALA C 121 3.87 -10.19 -3.79
C ALA C 121 2.81 -9.26 -4.44
N SER C 122 3.19 -8.66 -5.56
CA SER C 122 2.42 -7.59 -6.21
C SER C 122 0.98 -7.87 -6.61
N LYS C 123 0.52 -9.12 -6.50
CA LYS C 123 -0.90 -9.48 -6.75
C LYS C 123 -1.61 -10.05 -5.52
N LEU C 124 -0.91 -10.21 -4.41
CA LEU C 124 -1.47 -10.83 -3.23
C LEU C 124 -1.80 -9.83 -2.11
N VAL C 125 -3.07 -9.44 -1.99
CA VAL C 125 -3.51 -8.81 -0.75
C VAL C 125 -3.77 -9.93 0.25
N GLU C 126 -2.82 -10.10 1.17
CA GLU C 126 -2.86 -11.18 2.16
C GLU C 126 -3.63 -10.75 3.39
N ALA C 127 -4.91 -11.16 3.42
CA ALA C 127 -5.91 -10.56 4.30
C ALA C 127 -5.61 -10.71 5.78
N HIS C 128 -5.49 -11.96 6.26
CA HIS C 128 -5.25 -12.18 7.68
C HIS C 128 -3.76 -12.32 7.98
N GLY C 129 -2.95 -11.69 7.14
CA GLY C 129 -1.55 -11.48 7.43
C GLY C 129 -0.62 -12.39 6.66
N THR C 130 0.66 -12.30 6.99
CA THR C 130 1.70 -13.12 6.39
C THR C 130 2.79 -13.36 7.44
N PHE C 131 3.40 -14.55 7.40
CA PHE C 131 4.59 -14.86 8.22
C PHE C 131 5.86 -14.19 7.69
N ALA C 132 5.85 -13.80 6.41
CA ALA C 132 7.01 -13.22 5.76
C ALA C 132 7.61 -12.02 6.49
N SER C 133 6.77 -11.20 7.11
CA SER C 133 7.25 -10.04 7.86
C SER C 133 6.79 -10.08 9.32
N ALA C 134 7.64 -9.59 10.22
CA ALA C 134 7.37 -9.58 11.67
C ALA C 134 7.71 -8.23 12.30
N THR C 135 6.98 -7.90 13.35
CA THR C 135 7.10 -6.62 13.99
C THR C 135 7.18 -6.76 15.51
N CYS C 136 7.82 -5.80 16.16
CA CYS C 136 7.89 -5.76 17.62
C CYS C 136 6.52 -5.41 18.19
N THR C 137 6.22 -5.95 19.37
CA THR C 137 4.97 -5.64 20.08
C THR C 137 5.07 -4.39 20.96
N VAL C 138 6.27 -3.85 21.09
CA VAL C 138 6.51 -2.65 21.89
C VAL C 138 6.95 -1.50 20.97
N CYS C 139 8.16 -1.60 20.42
CA CYS C 139 8.80 -0.53 19.64
C CYS C 139 8.39 -0.51 18.16
N GLN C 140 7.58 -1.48 17.74
CA GLN C 140 7.07 -1.57 16.36
C GLN C 140 8.15 -1.71 15.26
N ARG C 141 9.36 -2.10 15.61
CA ARG C 141 10.41 -2.28 14.62
C ARG C 141 9.99 -3.40 13.68
N PRO C 142 10.20 -3.21 12.36
CA PRO C 142 9.94 -4.27 11.37
C PRO C 142 11.08 -5.28 11.29
N PHE C 143 10.77 -6.51 10.89
CA PHE C 143 11.77 -7.58 10.80
C PHE C 143 11.47 -8.53 9.66
N PRO C 144 12.50 -9.03 8.97
CA PRO C 144 12.35 -10.16 8.02
C PRO C 144 11.93 -11.45 8.70
N GLY C 145 10.93 -12.13 8.13
CA GLY C 145 10.48 -13.42 8.65
C GLY C 145 11.63 -14.41 8.77
N GLU C 146 12.62 -14.27 7.90
CA GLU C 146 13.86 -15.01 8.07
C GLU C 146 14.40 -14.77 9.49
N ASP C 147 14.55 -13.49 9.84
CA ASP C 147 15.24 -13.07 11.09
C ASP C 147 14.62 -13.55 12.39
N ILE C 148 13.47 -14.22 12.34
CA ILE C 148 12.91 -14.88 13.53
C ILE C 148 12.73 -16.40 13.34
N ARG C 149 13.26 -16.94 12.24
CA ARG C 149 13.04 -18.35 11.90
C ARG C 149 13.88 -19.25 12.81
N ALA C 150 15.07 -18.78 13.17
CA ALA C 150 15.93 -19.51 14.11
C ALA C 150 15.24 -19.81 15.45
N ASP C 151 14.46 -18.85 15.94
CA ASP C 151 13.87 -18.95 17.28
C ASP C 151 12.69 -19.92 17.29
N VAL C 152 11.70 -19.66 16.45
CA VAL C 152 10.44 -20.37 16.53
C VAL C 152 10.59 -21.86 16.23
N MET C 153 11.44 -22.20 15.26
CA MET C 153 11.66 -23.62 14.89
C MET C 153 12.39 -24.32 16.02
N ALA C 154 13.22 -23.59 16.76
CA ALA C 154 13.96 -24.10 17.92
C ALA C 154 13.41 -23.56 19.24
N ASP C 155 12.11 -23.75 19.43
CA ASP C 155 11.35 -23.24 20.57
C ASP C 155 12.05 -22.17 21.41
N ARG C 156 12.10 -20.96 20.86
CA ARG C 156 12.47 -19.74 21.58
C ARG C 156 11.48 -18.66 21.17
N VAL C 157 10.99 -17.91 22.15
CA VAL C 157 10.16 -16.76 21.84
C VAL C 157 11.06 -15.64 21.32
N PRO C 158 10.86 -15.23 20.05
CA PRO C 158 11.66 -14.11 19.56
C PRO C 158 11.38 -12.83 20.37
N ARG C 159 12.40 -12.34 21.05
CA ARG C 159 12.34 -11.02 21.68
C ARG C 159 13.18 -10.04 20.86
N CYS C 160 12.87 -8.76 21.01
CA CYS C 160 13.38 -7.71 20.13
C CYS C 160 14.86 -7.40 20.43
N PRO C 161 15.69 -7.20 19.38
CA PRO C 161 17.11 -6.92 19.57
C PRO C 161 17.37 -5.55 20.17
N VAL C 162 16.55 -4.57 19.84
CA VAL C 162 16.69 -3.25 20.46
C VAL C 162 15.94 -3.17 21.80
N CYS C 163 14.72 -3.70 21.81
CA CYS C 163 13.76 -3.33 22.82
C CYS C 163 13.55 -4.38 23.92
N THR C 164 13.82 -5.65 23.59
CA THR C 164 13.45 -6.81 24.42
C THR C 164 11.96 -7.12 24.41
N GLY C 165 11.22 -6.46 23.51
CA GLY C 165 9.82 -6.79 23.30
C GLY C 165 9.72 -8.12 22.59
N VAL C 166 8.51 -8.62 22.40
CA VAL C 166 8.33 -9.88 21.71
C VAL C 166 8.10 -9.57 20.24
N VAL C 167 8.84 -10.25 19.36
CA VAL C 167 8.62 -10.09 17.93
C VAL C 167 7.46 -10.97 17.49
N LYS C 168 6.47 -10.36 16.84
CA LYS C 168 5.31 -11.05 16.34
C LYS C 168 5.28 -11.00 14.82
N PRO C 169 5.12 -12.17 14.16
CA PRO C 169 4.90 -12.20 12.71
C PRO C 169 3.66 -11.39 12.40
N ASP C 170 3.59 -10.81 11.21
CA ASP C 170 2.47 -9.93 10.91
C ASP C 170 1.25 -10.74 10.47
N ILE C 171 0.90 -11.72 11.31
CA ILE C 171 -0.35 -12.46 11.20
C ILE C 171 -1.38 -11.63 11.92
N VAL C 172 -2.54 -11.45 11.28
CA VAL C 172 -3.54 -10.53 11.81
C VAL C 172 -4.37 -11.23 12.88
N PHE C 173 -4.51 -10.53 14.01
CA PHE C 173 -5.20 -11.05 15.20
C PHE C 173 -6.56 -10.36 15.25
N PHE C 174 -7.41 -10.76 16.18
CA PHE C 174 -8.72 -10.13 16.34
C PHE C 174 -8.56 -8.80 17.03
N GLY C 175 -9.31 -7.81 16.54
CA GLY C 175 -9.26 -6.45 17.03
C GLY C 175 -8.09 -5.70 16.42
N GLU C 176 -7.51 -6.27 15.38
CA GLU C 176 -6.40 -5.63 14.68
C GLU C 176 -6.92 -5.13 13.35
N PRO C 177 -6.45 -3.95 12.92
CA PRO C 177 -6.88 -3.43 11.64
C PRO C 177 -6.24 -4.22 10.50
N LEU C 178 -7.04 -4.59 9.49
CA LEU C 178 -6.54 -5.33 8.33
C LEU C 178 -5.36 -4.61 7.66
N PRO C 179 -4.53 -5.37 6.93
CA PRO C 179 -3.33 -4.77 6.37
C PRO C 179 -3.66 -3.56 5.52
N GLN C 180 -2.76 -2.59 5.47
CA GLN C 180 -2.94 -1.39 4.64
C GLN C 180 -3.14 -1.72 3.15
N ARG C 181 -2.64 -2.88 2.73
CA ARG C 181 -2.86 -3.34 1.36
C ARG C 181 -4.30 -3.75 1.09
N PHE C 182 -5.10 -3.87 2.15
CA PHE C 182 -6.52 -4.11 2.01
C PHE C 182 -7.23 -2.92 1.35
N LEU C 183 -6.64 -1.73 1.43
CA LEU C 183 -7.22 -0.55 0.82
C LEU C 183 -7.38 -0.71 -0.69
N LEU C 184 -6.53 -1.55 -1.29
CA LEU C 184 -6.67 -1.93 -2.71
C LEU C 184 -8.04 -2.47 -3.10
N HIS C 185 -8.84 -2.92 -2.14
CA HIS C 185 -10.21 -3.34 -2.45
C HIS C 185 -10.97 -2.18 -3.10
N VAL C 186 -10.63 -0.95 -2.69
CA VAL C 186 -11.23 0.29 -3.20
C VAL C 186 -11.04 0.47 -4.70
N VAL C 187 -9.88 0.09 -5.20
CA VAL C 187 -9.61 0.19 -6.64
C VAL C 187 -10.03 -1.08 -7.41
N ASP C 188 -9.72 -2.26 -6.87
CA ASP C 188 -9.87 -3.55 -7.58
C ASP C 188 -11.32 -3.95 -7.87
N PHE C 189 -12.15 -3.95 -6.83
CA PHE C 189 -13.48 -4.55 -6.93
C PHE C 189 -14.40 -3.93 -7.99
N PRO C 190 -14.35 -2.59 -8.18
CA PRO C 190 -15.13 -1.99 -9.28
C PRO C 190 -14.37 -1.96 -10.61
N MET C 191 -13.11 -2.38 -10.56
CA MET C 191 -12.25 -2.49 -11.74
C MET C 191 -12.20 -3.93 -12.25
N ALA C 192 -12.80 -4.85 -11.47
CA ALA C 192 -12.75 -6.28 -11.78
C ALA C 192 -13.88 -6.69 -12.75
N ASP C 193 -13.49 -7.25 -13.89
CA ASP C 193 -14.47 -7.67 -14.90
C ASP C 193 -15.07 -9.04 -14.63
N LEU C 194 -14.49 -9.76 -13.66
CA LEU C 194 -14.84 -11.17 -13.42
C LEU C 194 -14.36 -11.67 -12.06
N LEU C 195 -15.31 -11.89 -11.14
CA LEU C 195 -14.97 -12.33 -9.80
C LEU C 195 -14.75 -13.84 -9.75
N LEU C 196 -14.06 -14.31 -8.71
CA LEU C 196 -13.90 -15.74 -8.48
C LEU C 196 -13.87 -16.07 -6.99
N ILE C 197 -14.96 -16.64 -6.49
CA ILE C 197 -15.00 -17.18 -5.13
C ILE C 197 -14.62 -18.65 -5.23
N LEU C 198 -13.65 -19.04 -4.40
CA LEU C 198 -13.04 -20.36 -4.48
C LEU C 198 -12.82 -20.92 -3.09
N GLY C 199 -13.83 -21.56 -2.53
CA GLY C 199 -13.68 -22.18 -1.23
C GLY C 199 -13.54 -21.15 -0.13
N THR C 200 -14.64 -20.44 0.13
CA THR C 200 -14.78 -19.60 1.31
C THR C 200 -16.27 -19.39 1.63
N SER C 201 -16.57 -19.31 2.91
CA SER C 201 -17.94 -19.22 3.38
C SER C 201 -18.58 -17.82 3.20
N LEU C 202 -17.79 -16.75 3.33
CA LEU C 202 -18.27 -15.36 3.14
C LEU C 202 -19.26 -14.86 4.17
N GLU C 203 -19.38 -15.56 5.30
CA GLU C 203 -20.42 -15.26 6.28
C GLU C 203 -20.06 -14.02 7.10
N VAL C 204 -18.77 -13.82 7.32
CA VAL C 204 -18.27 -12.76 8.19
C VAL C 204 -17.74 -11.57 7.39
N GLU C 205 -17.95 -10.38 7.93
CA GLU C 205 -17.49 -9.14 7.32
C GLU C 205 -15.98 -9.02 7.66
N PRO C 206 -15.23 -8.21 6.91
CA PRO C 206 -15.56 -7.37 5.76
C PRO C 206 -15.54 -8.14 4.44
N PHE C 207 -15.05 -9.36 4.48
CA PHE C 207 -14.84 -10.16 3.29
C PHE C 207 -16.15 -10.48 2.59
N ALA C 208 -17.26 -10.29 3.30
CA ALA C 208 -18.59 -10.46 2.71
C ALA C 208 -18.86 -9.42 1.62
N SER C 209 -19.32 -8.24 2.03
CA SER C 209 -19.92 -7.27 1.11
C SER C 209 -19.13 -6.99 -0.16
N LEU C 210 -17.81 -7.14 -0.13
CA LEU C 210 -16.98 -6.92 -1.32
C LEU C 210 -17.48 -7.75 -2.51
N THR C 211 -18.05 -8.92 -2.25
CA THR C 211 -18.77 -9.65 -3.28
C THR C 211 -19.68 -8.69 -4.08
N GLU C 212 -20.25 -7.71 -3.38
CA GLU C 212 -21.24 -6.77 -3.93
C GLU C 212 -20.63 -5.45 -4.41
N ALA C 213 -19.38 -5.16 -4.04
CA ALA C 213 -18.68 -4.00 -4.53
C ALA C 213 -18.37 -4.13 -6.01
N VAL C 214 -18.47 -5.35 -6.55
CA VAL C 214 -18.36 -5.57 -8.00
C VAL C 214 -19.61 -5.01 -8.73
N ARG C 215 -19.40 -4.42 -9.91
CA ARG C 215 -20.51 -3.84 -10.69
C ARG C 215 -21.36 -4.96 -11.25
N SER C 216 -22.66 -4.71 -11.39
CA SER C 216 -23.63 -5.80 -11.59
C SER C 216 -23.39 -6.64 -12.85
N SER C 217 -22.84 -6.02 -13.89
CA SER C 217 -22.46 -6.74 -15.11
C SER C 217 -21.20 -7.62 -14.97
N VAL C 218 -20.74 -7.83 -13.74
CA VAL C 218 -19.61 -8.71 -13.45
C VAL C 218 -20.14 -10.03 -12.89
N PRO C 219 -19.88 -11.15 -13.60
CA PRO C 219 -20.18 -12.48 -13.06
C PRO C 219 -19.40 -12.86 -11.78
N ARG C 220 -20.12 -13.43 -10.80
CA ARG C 220 -19.52 -13.91 -9.54
C ARG C 220 -19.54 -15.43 -9.50
N LEU C 221 -18.39 -16.07 -9.71
CA LEU C 221 -18.32 -17.54 -9.72
C LEU C 221 -18.07 -18.10 -8.32
N LEU C 222 -18.87 -19.08 -7.91
CA LEU C 222 -18.62 -19.82 -6.67
C LEU C 222 -18.23 -21.28 -6.95
N ILE C 223 -17.02 -21.63 -6.57
CA ILE C 223 -16.57 -23.01 -6.60
C ILE C 223 -16.35 -23.35 -5.14
N ASN C 224 -17.25 -24.16 -4.60
CA ASN C 224 -17.26 -24.47 -3.17
C ASN C 224 -18.12 -25.70 -2.90
N ARG C 225 -18.32 -26.06 -1.63
CA ARG C 225 -19.26 -27.11 -1.27
C ARG C 225 -20.71 -26.65 -1.40
N ASP C 226 -21.07 -25.64 -0.64
CA ASP C 226 -22.48 -25.28 -0.47
C ASP C 226 -22.74 -23.79 -0.71
N LEU C 227 -23.96 -23.48 -1.17
CA LEU C 227 -24.35 -22.10 -1.45
C LEU C 227 -24.58 -21.37 -0.12
N VAL C 228 -23.73 -20.36 0.14
CA VAL C 228 -23.73 -19.59 1.40
C VAL C 228 -23.40 -18.12 1.16
N GLY C 229 -23.78 -17.29 2.12
CA GLY C 229 -23.32 -15.91 2.18
C GLY C 229 -24.01 -15.00 1.19
N PRO C 230 -23.31 -13.91 0.79
CA PRO C 230 -23.89 -12.92 -0.12
C PRO C 230 -24.42 -13.49 -1.43
N LEU C 231 -23.84 -14.59 -1.89
CA LEU C 231 -24.20 -15.19 -3.18
C LEU C 231 -25.44 -16.06 -3.02
N ALA C 232 -25.61 -16.60 -1.81
CA ALA C 232 -26.82 -17.31 -1.44
C ALA C 232 -27.97 -16.31 -1.26
N TRP C 233 -27.73 -15.31 -0.41
CA TRP C 233 -28.78 -14.43 0.05
C TRP C 233 -29.13 -13.28 -0.91
N HIS C 234 -28.19 -12.90 -1.77
CA HIS C 234 -28.44 -11.87 -2.78
C HIS C 234 -27.80 -12.23 -4.12
N PRO C 235 -28.42 -13.17 -4.86
CA PRO C 235 -27.94 -13.57 -6.18
C PRO C 235 -28.35 -12.58 -7.26
N ARG C 236 -27.37 -12.08 -8.01
CA ARG C 236 -27.63 -11.21 -9.16
C ARG C 236 -27.73 -12.04 -10.43
N SER C 237 -28.03 -11.37 -11.54
CA SER C 237 -28.37 -12.04 -12.80
C SER C 237 -27.29 -12.97 -13.36
N ARG C 238 -26.03 -12.54 -13.28
CA ARG C 238 -24.92 -13.26 -13.90
C ARG C 238 -24.11 -14.10 -12.90
N ASP C 239 -24.76 -14.65 -11.88
CA ASP C 239 -24.08 -15.47 -10.84
C ASP C 239 -24.09 -16.96 -11.17
N VAL C 240 -23.00 -17.64 -10.82
CA VAL C 240 -22.84 -19.07 -11.06
C VAL C 240 -22.22 -19.73 -9.83
N ALA C 241 -22.69 -20.94 -9.51
CA ALA C 241 -22.13 -21.72 -8.42
C ALA C 241 -21.85 -23.15 -8.84
N GLN C 242 -20.58 -23.48 -8.99
CA GLN C 242 -20.16 -24.88 -9.02
C GLN C 242 -20.07 -25.31 -7.55
N LEU C 243 -21.12 -26.00 -7.08
CA LEU C 243 -21.16 -26.55 -5.72
C LEU C 243 -20.71 -27.99 -5.73
N GLY C 244 -19.96 -28.37 -4.70
CA GLY C 244 -19.39 -29.72 -4.57
C GLY C 244 -17.99 -29.65 -3.97
N ASP C 245 -17.05 -30.40 -4.55
CA ASP C 245 -15.65 -30.27 -4.16
C ASP C 245 -15.09 -28.97 -4.79
N VAL C 246 -13.99 -28.44 -4.24
CA VAL C 246 -13.33 -27.30 -4.89
C VAL C 246 -12.42 -27.87 -5.97
N VAL C 247 -11.47 -28.71 -5.57
CA VAL C 247 -10.45 -29.23 -6.51
C VAL C 247 -11.08 -29.71 -7.83
N HIS C 248 -12.02 -30.64 -7.73
CA HIS C 248 -12.59 -31.28 -8.93
C HIS C 248 -13.27 -30.27 -9.84
N GLY C 249 -14.09 -29.39 -9.27
CA GLY C 249 -14.62 -28.24 -10.01
C GLY C 249 -13.51 -27.39 -10.66
N VAL C 250 -12.48 -27.07 -9.87
CA VAL C 250 -11.35 -26.29 -10.34
C VAL C 250 -10.74 -26.95 -11.59
N GLU C 251 -10.73 -28.28 -11.62
CA GLU C 251 -10.21 -29.02 -12.79
C GLU C 251 -11.21 -29.04 -13.94
N SER C 252 -12.50 -29.12 -13.63
CA SER C 252 -13.52 -29.02 -14.66
C SER C 252 -13.31 -27.69 -15.33
N LEU C 253 -13.29 -26.64 -14.50
CA LEU C 253 -13.06 -25.27 -14.97
C LEU C 253 -11.83 -25.22 -15.89
N VAL C 254 -10.71 -25.76 -15.41
CA VAL C 254 -9.49 -25.86 -16.21
C VAL C 254 -9.74 -26.64 -17.48
N GLU C 255 -10.40 -27.79 -17.31
CA GLU C 255 -10.72 -28.66 -18.45
C GLU C 255 -11.55 -27.89 -19.49
N LEU C 256 -12.64 -27.27 -19.07
CA LEU C 256 -13.49 -26.49 -19.96
C LEU C 256 -12.79 -25.27 -20.56
N LEU C 257 -11.80 -24.75 -19.83
CA LEU C 257 -10.91 -23.67 -20.31
C LEU C 257 -9.75 -24.13 -21.20
N GLY C 258 -9.54 -25.44 -21.30
CA GLY C 258 -8.43 -25.98 -22.06
C GLY C 258 -7.05 -25.62 -21.52
N TRP C 259 -6.91 -25.57 -20.19
CA TRP C 259 -5.60 -25.38 -19.54
C TRP C 259 -5.11 -26.68 -18.86
N THR C 260 -5.65 -27.81 -19.28
CA THR C 260 -5.27 -29.10 -18.76
C THR C 260 -3.80 -29.36 -19.06
N GLU C 261 -3.45 -29.30 -20.34
CA GLU C 261 -2.07 -29.52 -20.81
C GLU C 261 -1.06 -28.72 -19.98
N GLU C 262 -1.37 -27.45 -19.69
CA GLU C 262 -0.45 -26.53 -18.99
C GLU C 262 -0.46 -26.70 -17.46
N MET C 263 -1.55 -27.24 -16.91
CA MET C 263 -1.59 -27.58 -15.48
C MET C 263 -0.59 -28.69 -15.20
N ARG C 264 -0.65 -29.77 -16.00
CA ARG C 264 0.30 -30.86 -15.89
C ARG C 264 1.69 -30.25 -15.93
N ASP C 265 1.95 -29.44 -16.96
CA ASP C 265 3.23 -28.74 -17.11
C ASP C 265 3.65 -28.03 -15.83
N LEU C 266 2.86 -27.02 -15.43
CA LEU C 266 3.18 -26.13 -14.32
C LEU C 266 3.56 -26.90 -13.06
N VAL C 267 2.68 -27.82 -12.67
CA VAL C 267 2.85 -28.65 -11.47
C VAL C 267 4.19 -29.37 -11.46
N GLN C 268 4.44 -30.08 -12.56
CA GLN C 268 5.71 -30.78 -12.82
C GLN C 268 6.94 -29.91 -12.49
N ARG C 269 6.91 -28.65 -12.96
CA ARG C 269 7.98 -27.67 -12.69
C ARG C 269 8.09 -27.31 -11.21
N GLU C 270 6.94 -27.09 -10.58
CA GLU C 270 6.89 -26.67 -9.20
C GLU C 270 6.78 -27.90 -8.27
N THR C 271 7.30 -29.04 -8.72
CA THR C 271 7.23 -30.30 -7.96
C THR C 271 8.19 -31.34 -8.57
N ARG D 1 -9.65 5.72 -9.94
CA ARG D 1 -10.24 7.11 -9.91
C ARG D 1 -9.21 8.22 -9.82
N HIS D 2 -8.41 8.16 -8.75
CA HIS D 2 -7.47 9.21 -8.44
C HIS D 2 -6.26 9.17 -9.37
N LYS D 3 -6.38 9.92 -10.45
CA LYS D 3 -5.29 10.15 -11.37
C LYS D 3 -4.80 11.58 -11.15
OH ALY D 4 3.43 17.03 -11.48
CH ALY D 4 3.76 15.90 -11.82
CH3 ALY D 4 5.23 15.44 -11.71
NZ ALY D 4 2.95 14.96 -12.31
CE ALY D 4 1.50 15.17 -12.48
CD ALY D 4 0.79 13.81 -12.33
CG ALY D 4 -0.71 14.02 -12.13
CB ALY D 4 -1.43 12.67 -11.92
CA ALY D 4 -2.94 12.88 -11.80
N ALY D 4 -3.62 11.59 -11.62
C ALY D 4 -3.41 13.56 -13.08
O ALY D 4 -3.56 12.88 -14.09
ZN ZN E . 11.05 -4.07 -19.94
MG MG F . 19.34 -1.27 -16.74
CAA BBI G . -0.66 30.79 -15.34
CAB BBI G . 0.46 29.79 -15.72
CAC BBI G . 0.89 29.97 -17.19
CAD BBI G . 0.58 28.70 -17.99
CAE BBI G . -0.94 28.59 -18.21
OAF BBI G . -1.79 29.59 -18.01
CAG BBI G . -3.05 29.09 -18.32
CAH BBI G . -4.24 29.67 -18.30
CAI BBI G . -5.38 28.96 -18.67
CAJ BBI G . -5.22 27.63 -19.06
CAK BBI G . -3.96 27.08 -19.07
CAL BBI G . -2.92 27.83 -18.71
CAM BBI G . -1.64 27.53 -18.63
CAN BBI G . -1.21 26.32 -18.96
OAO BBI G . -0.89 26.06 -20.11
CAP BBI G . -1.38 25.33 -17.99
CBE BBI G . -1.67 24.01 -18.36
CBC BBI G . -1.86 23.02 -17.38
IBD BBI G . -2.28 21.05 -18.05
CAQ BBI G . -1.29 25.67 -16.65
CAR BBI G . -1.47 24.72 -15.66
IAS BBI G . -1.29 25.43 -13.72
CAT BBI G . -1.74 23.39 -16.03
OAU BBI G . -1.91 22.44 -15.04
CAV BBI G . -0.71 21.68 -14.75
CAW BBI G . 0.11 22.52 -13.78
NAX BBI G . 1.33 21.85 -13.23
CBA BBI G . 2.30 21.48 -14.27
CBB BBI G . 3.69 22.00 -13.87
CAY BBI G . 1.12 20.69 -12.36
CAZ BBI G . 0.22 21.11 -11.19
PA NAD H . 2.88 24.98 -6.95
O1A NAD H . 1.65 24.73 -7.81
O2A NAD H . 4.11 25.62 -7.57
O5B NAD H . 2.44 25.85 -5.66
C5B NAD H . 3.38 26.16 -4.61
C4B NAD H . 2.80 27.17 -3.63
O4B NAD H . 3.76 27.48 -2.61
C3B NAD H . 2.41 28.48 -4.28
O3B NAD H . 1.13 28.90 -3.83
C2B NAD H . 3.48 29.47 -3.85
O2B NAD H . 2.97 30.80 -3.69
C1B NAD H . 3.95 28.90 -2.53
N9A NAD H . 5.38 29.26 -2.24
C8A NAD H . 6.47 29.01 -2.99
N7A NAD H . 7.60 29.49 -2.40
C5A NAD H . 7.23 30.07 -1.24
C6A NAD H . 7.91 30.78 -0.12
N6A NAD H . 9.25 30.98 -0.11
N1A NAD H . 7.13 31.24 0.89
C2A NAD H . 5.79 31.05 0.91
N3A NAD H . 5.12 30.41 -0.06
C4A NAD H . 5.77 29.91 -1.15
O3 NAD H . 3.34 23.60 -6.26
PN NAD H . 2.31 22.40 -5.94
O1N NAD H . 0.98 22.98 -5.49
O2N NAD H . 3.03 21.43 -5.04
O5D NAD H . 2.13 21.68 -7.39
C5D NAD H . 3.20 21.63 -8.34
C4D NAD H . 3.23 20.32 -9.15
O4D NAD H . 4.48 20.16 -9.83
C3D NAD H . 3.11 19.07 -8.30
O3D NAD H . 2.48 18.06 -9.09
C2D NAD H . 4.54 18.71 -7.97
O2D NAD H . 4.74 17.30 -7.91
C1D NAD H . 5.38 19.34 -9.08
N1N NAD H . 6.50 20.13 -8.55
C2N NAD H . 7.36 19.57 -7.66
C3N NAD H . 8.43 20.31 -7.16
C7N NAD H . 9.37 19.70 -6.15
O7N NAD H . 9.67 18.52 -6.25
N7N NAD H . 9.86 20.45 -5.17
C4N NAD H . 8.62 21.62 -7.58
C5N NAD H . 7.75 22.17 -8.51
C6N NAD H . 6.69 21.40 -8.97
N MCM I . -12.26 -9.05 12.72
CA MCM I . -12.81 -9.28 13.91
C2 MCM I . -13.85 -10.20 14.03
C3 MCM I . -14.39 -10.45 15.30
C4 MCM I . -16.02 -11.52 16.64
C5 MCM I . -15.53 -10.89 17.79
C6 MCM I . -14.44 -10.04 17.71
C7 MCM I . -13.90 -9.81 16.45
C8 MCM I . -12.86 -8.90 16.31
C9 MCM I . -12.33 -8.64 15.06
C10 MCM I . -13.95 -9.40 18.84
O1 MCM I . -15.43 -11.33 15.42
O2 MCM I . -16.98 -12.26 16.77
C1 PEG J . -0.98 -7.12 -3.57
O1 PEG J . -0.68 -6.68 -4.89
C2 PEG J . 0.31 -7.31 -2.78
O2 PEG J . 1.32 -6.42 -3.25
C3 PEG J . 2.50 -6.47 -2.45
C4 PEG J . 3.55 -5.50 -2.96
O4 PEG J . 4.83 -5.95 -2.48
ZN ZN K . 10.87 -3.90 20.44
C1 PEG L . 12.71 3.50 14.16
O1 PEG L . 13.04 3.58 15.55
C2 PEG L . 11.21 3.29 13.99
O2 PEG L . 10.95 2.40 12.90
C3 PEG L . 9.61 1.91 12.87
C4 PEG L . 8.60 3.07 12.77
O4 PEG L . 7.38 2.66 12.13
MG MG M . 15.47 -11.00 16.41
CAA BBI N . -15.55 -25.78 16.85
CAB BBI N . -15.71 -24.28 16.61
CAC BBI N . -17.05 -23.79 17.19
CAD BBI N . -17.94 -23.12 16.12
CAE BBI N . -18.44 -21.77 16.65
OAF BBI N . -19.56 -21.62 17.28
CAG BBI N . -19.68 -20.29 17.60
CAH BBI N . -20.63 -19.65 18.24
CAI BBI N . -20.55 -18.28 18.46
CAJ BBI N . -19.44 -17.60 17.99
CAK BBI N . -18.46 -18.32 17.32
CAL BBI N . -18.59 -19.64 17.14
CAM BBI N . -17.83 -20.59 16.54
CAN BBI N . -16.65 -20.40 15.93
OAO BBI N . -15.69 -21.16 16.13
CAP BBI N . -16.52 -19.29 15.12
CBE BBI N . -15.74 -18.23 15.60
CBC BBI N . -15.59 -17.08 14.85
IBD BBI N . -14.42 -15.54 15.62
CAQ BBI N . -17.14 -19.18 13.87
CAR BBI N . -16.97 -18.02 13.10
IAS BBI N . -17.88 -17.84 11.22
CAT BBI N . -16.19 -16.99 13.61
OAU BBI N . -16.00 -15.86 12.87
CAV BBI N . -15.05 -16.08 11.83
CAW BBI N . -13.68 -15.80 12.40
NAX BBI N . -12.62 -16.26 11.52
CBA BBI N . -11.42 -15.63 11.92
CBB BBI N . -10.23 -16.29 11.27
CAY BBI N . -12.59 -17.75 11.68
CAZ BBI N . -11.64 -18.27 12.79
PA NAD O . -13.44 -21.33 7.08
O1A NAD O . -14.45 -20.42 7.75
O2A NAD O . -12.60 -22.26 7.95
O5B NAD O . -14.20 -22.20 5.93
C5B NAD O . -13.60 -22.70 4.71
C4B NAD O . -14.69 -23.04 3.70
O4B NAD O . -14.17 -23.84 2.61
C3B NAD O . -15.80 -23.88 4.31
O3B NAD O . -17.05 -23.45 3.72
C2B NAD O . -15.43 -25.31 3.96
O2B NAD O . -16.52 -26.23 3.90
C1B NAD O . -14.81 -25.15 2.58
N9A NAD O . -13.83 -26.22 2.23
C8A NAD O . -12.83 -26.74 2.97
N7A NAD O . -12.14 -27.67 2.27
C5A NAD O . -12.70 -27.77 1.05
C6A NAD O . -12.50 -28.58 -0.18
N6A NAD O . -11.49 -29.49 -0.27
N1A NAD O . -13.33 -28.36 -1.23
C2A NAD O . -14.33 -27.46 -1.16
N3A NAD O . -14.58 -26.69 -0.09
C4A NAD O . -13.82 -26.82 1.03
O3 NAD O . -12.42 -20.48 6.16
PN NAD O . -12.51 -18.90 5.79
O1N NAD O . -13.94 -18.51 5.40
O2N NAD O . -11.34 -18.62 4.87
O5D NAD O . -12.08 -18.30 7.22
C5D NAD O . -11.04 -18.97 7.92
C4D NAD O . -10.23 -17.92 8.64
O4D NAD O . -9.22 -18.55 9.45
C3D NAD O . -9.54 -17.00 7.68
O3D NAD O . -9.83 -15.67 8.12
C2D NAD O . -8.08 -17.42 7.75
O2D NAD O . -7.17 -16.31 7.90
C1D NAD O . -7.90 -18.33 8.96
N1N NAD O . -7.25 -19.60 8.58
C2N NAD O . -6.30 -19.66 7.63
C3N NAD O . -5.69 -20.88 7.30
C7N NAD O . -4.65 -20.98 6.22
O7N NAD O . -3.68 -20.25 6.23
N7N NAD O . -4.82 -21.89 5.26
C4N NAD O . -6.07 -22.04 7.96
C5N NAD O . -7.06 -21.95 8.93
C6N NAD O . -7.63 -20.71 9.23
N MCM P . -3.53 14.91 -13.01
CA MCM P . -3.85 15.58 -14.12
C2 MCM P . -4.58 16.77 -14.08
C3 MCM P . -4.87 17.45 -15.27
C4 MCM P . -5.85 19.27 -16.38
C5 MCM P . -5.42 18.82 -17.62
C6 MCM P . -4.74 17.64 -17.70
C7 MCM P . -4.45 16.97 -16.51
C8 MCM P . -3.72 15.78 -16.54
C9 MCM P . -3.42 15.11 -15.36
C10 MCM P . -4.29 17.18 -18.94
O1 MCM P . -5.59 18.58 -15.23
O2 MCM P . -6.47 20.33 -16.36
#